data_2VDG
#
_entry.id   2VDG
#
_cell.length_a   57.074
_cell.length_b   61.245
_cell.length_c   87.320
_cell.angle_alpha   90.00
_cell.angle_beta   90.00
_cell.angle_gamma   90.00
#
_symmetry.space_group_name_H-M   'P 21 21 21'
#
loop_
_entity.id
_entity.type
_entity.pdbx_description
1 polymer 'ALDOSE REDUCTASE'
2 non-polymer 'NADPH DIHYDRO-NICOTINAMIDE-ADENINE-DINUCLEOTIDE PHOSPHATE'
3 non-polymer 'SULFATE ION'
4 non-polymer 1-BUTANOL
5 water water
#
_entity_poly.entity_id   1
_entity_poly.type   'polypeptide(L)'
_entity_poly.pdbx_seq_one_letter_code
;MGHHHHHHHHHSSGHIDDDDKHMLEASAKATMGQGEQDHFVLKSGHAMPAVGLGTWRAGSDTAHSVRTAITEAGYRHVDT
AAEYGVEKEVGKGLKAAMEAGIDRKDLFVTSKIWCTNLAPERVRPALENTLKDLQLDYIDLYHIHWPFRLKDGAHMPPEA
GEVLEFDMEGVWKEMENLVKDGLVKDIGVCNYTVTKLNRLLRSAKIPPAVCQMEMHPGWKNDKIFEACKKHGIHITAYSP
LGSSEKNLAHDPVVEKVANKLNKTPGQVLIKWALQRGTSVIPKSSKDERIKENIQVFGWEIPEEDFKVLCSIKDEKRVLT
GEELFVNKTHGPYRSARDVWDHEN
;
_entity_poly.pdbx_strand_id   A
#
loop_
_chem_comp.id
_chem_comp.type
_chem_comp.name
_chem_comp.formula
1BO non-polymer 1-BUTANOL 'C4 H10 O'
NDP non-polymer 'NADPH DIHYDRO-NICOTINAMIDE-ADENINE-DINUCLEOTIDE PHOSPHATE' 'C21 H30 N7 O17 P3'
SO4 non-polymer 'SULFATE ION' 'O4 S -2'
#
# COMPACT_ATOMS: atom_id res chain seq x y z
N GLN A 37 -16.56 5.39 8.58
CA GLN A 37 -16.63 3.94 8.15
C GLN A 37 -15.43 3.17 8.64
N ASP A 38 -15.64 1.92 9.05
CA ASP A 38 -14.49 1.11 9.31
C ASP A 38 -14.09 0.22 8.14
N HIS A 39 -14.79 0.35 7.00
CA HIS A 39 -14.44 -0.42 5.81
C HIS A 39 -14.84 0.32 4.53
N PHE A 40 -14.31 -0.13 3.41
CA PHE A 40 -14.75 0.31 2.11
C PHE A 40 -15.24 -0.90 1.35
N VAL A 41 -16.07 -0.66 0.34
CA VAL A 41 -16.59 -1.73 -0.50
C VAL A 41 -15.98 -1.47 -1.88
N LEU A 42 -15.24 -2.47 -2.37
CA LEU A 42 -14.56 -2.33 -3.63
C LEU A 42 -15.57 -2.62 -4.75
N LYS A 43 -15.20 -2.31 -5.98
CA LYS A 43 -16.13 -2.48 -7.12
C LYS A 43 -16.62 -3.90 -7.28
N SER A 44 -15.80 -4.88 -6.89
CA SER A 44 -16.19 -6.30 -6.88
C SER A 44 -17.29 -6.60 -5.86
N GLY A 45 -17.41 -5.77 -4.84
CA GLY A 45 -18.41 -6.02 -3.81
C GLY A 45 -17.77 -6.50 -2.53
N HIS A 46 -16.46 -6.74 -2.59
CA HIS A 46 -15.73 -7.19 -1.40
C HIS A 46 -15.45 -6.01 -0.53
N ALA A 47 -15.61 -6.21 0.79
CA ALA A 47 -15.27 -5.16 1.73
C ALA A 47 -13.77 -5.16 2.08
N MET A 48 -13.23 -3.97 2.23
CA MET A 48 -11.85 -3.83 2.66
C MET A 48 -11.80 -2.97 3.92
N PRO A 49 -11.25 -3.51 5.02
CA PRO A 49 -11.20 -2.68 6.24
C PRO A 49 -10.41 -1.42 6.01
N ALA A 50 -10.89 -0.32 6.57
CA ALA A 50 -10.24 0.99 6.35
C ALA A 50 -8.83 1.08 6.89
N VAL A 51 -8.57 0.44 8.03
CA VAL A 51 -7.25 0.41 8.63
C VAL A 51 -6.59 -0.94 8.53
N GLY A 52 -5.35 -0.96 8.08
CA GLY A 52 -4.57 -2.17 7.99
C GLY A 52 -3.22 -2.02 8.63
N LEU A 53 -2.58 -3.15 8.89
CA LEU A 53 -1.27 -3.10 9.46
C LEU A 53 -0.23 -3.15 8.35
N GLY A 54 0.58 -2.10 8.19
CA GLY A 54 1.68 -2.15 7.28
C GLY A 54 2.78 -3.04 7.81
N THR A 55 3.49 -3.75 6.94
CA THR A 55 4.50 -4.72 7.43
C THR A 55 5.88 -4.52 6.83
N TRP A 56 6.08 -3.40 6.14
CA TRP A 56 7.36 -3.16 5.57
C TRP A 56 8.33 -2.71 6.64
N ARG A 57 9.48 -3.36 6.61
CA ARG A 57 10.53 -3.14 7.59
C ARG A 57 10.01 -3.42 8.98
N ALA A 58 9.10 -4.39 9.06
CA ALA A 58 8.51 -4.75 10.32
C ALA A 58 9.52 -5.48 11.20
N GLY A 59 10.45 -6.20 10.58
CA GLY A 59 11.61 -6.75 11.31
C GLY A 59 11.36 -8.08 12.00
N SER A 60 12.07 -8.30 13.11
CA SER A 60 11.98 -9.58 13.80
C SER A 60 10.63 -9.82 14.45
N ASP A 61 9.95 -8.76 14.88
CA ASP A 61 8.68 -8.96 15.58
C ASP A 61 7.51 -9.09 14.61
N THR A 62 7.79 -9.02 13.31
CA THR A 62 6.77 -9.15 12.28
C THR A 62 5.62 -10.08 12.66
N ALA A 63 5.92 -11.35 12.94
CA ALA A 63 4.84 -12.34 13.17
C ALA A 63 4.05 -12.03 14.42
N HIS A 64 4.73 -11.70 15.52
CA HIS A 64 4.05 -11.22 16.74
C HIS A 64 3.19 -10.00 16.46
N SER A 65 3.74 -9.03 15.74
CA SER A 65 3.01 -7.79 15.40
C SER A 65 1.72 -8.07 14.67
N VAL A 66 1.76 -8.97 13.68
CA VAL A 66 0.57 -9.31 12.92
C VAL A 66 -0.46 -9.96 13.85
N ARG A 67 -0.02 -10.93 14.68
CA ARG A 67 -0.94 -11.59 15.60
C ARG A 67 -1.62 -10.63 16.62
N THR A 68 -0.82 -9.80 17.30
CA THR A 68 -1.28 -8.75 18.21
C THR A 68 -2.28 -7.87 17.51
N ALA A 69 -1.91 -7.41 16.33
CA ALA A 69 -2.73 -6.46 15.60
C ALA A 69 -4.12 -7.00 15.41
N ILE A 70 -4.20 -8.24 14.95
CA ILE A 70 -5.46 -8.90 14.67
C ILE A 70 -6.23 -9.30 15.93
N THR A 71 -5.57 -9.99 16.86
CA THR A 71 -6.34 -10.47 18.02
C THR A 71 -6.54 -9.34 19.01
N GLU A 72 -5.47 -8.77 19.52
CA GLU A 72 -5.60 -7.81 20.57
C GLU A 72 -6.18 -6.48 20.09
N ALA A 73 -5.67 -5.99 18.96
CA ALA A 73 -6.04 -4.67 18.44
C ALA A 73 -7.23 -4.67 17.46
N GLY A 74 -7.63 -5.83 16.96
CA GLY A 74 -8.85 -5.91 16.16
C GLY A 74 -8.66 -5.54 14.70
N TYR A 75 -7.40 -5.46 14.27
CA TYR A 75 -7.14 -5.20 12.86
C TYR A 75 -7.69 -6.34 12.05
N ARG A 76 -8.20 -6.02 10.87
CA ARG A 76 -8.71 -7.05 9.97
C ARG A 76 -8.09 -6.90 8.58
N HIS A 77 -6.96 -6.20 8.51
CA HIS A 77 -6.33 -5.87 7.24
C HIS A 77 -4.85 -5.84 7.51
N VAL A 78 -4.12 -6.69 6.76
CA VAL A 78 -2.66 -6.65 6.79
C VAL A 78 -2.15 -6.42 5.38
N ASP A 79 -1.24 -5.46 5.28
CA ASP A 79 -0.62 -5.09 4.03
C ASP A 79 0.80 -5.58 4.03
N THR A 80 1.12 -6.37 3.02
CA THR A 80 2.47 -6.87 2.87
C THR A 80 2.91 -6.93 1.40
N ALA A 81 4.08 -7.51 1.13
CA ALA A 81 4.62 -7.57 -0.22
C ALA A 81 5.78 -8.52 -0.21
N ALA A 82 5.93 -9.30 -1.29
CA ALA A 82 7.14 -10.10 -1.49
C ALA A 82 8.43 -9.35 -1.20
N GLU A 83 8.62 -8.16 -1.80
CA GLU A 83 9.90 -7.47 -1.65
C GLU A 83 10.23 -6.98 -0.25
N TYR A 84 9.23 -6.85 0.61
CA TYR A 84 9.52 -6.52 2.02
C TYR A 84 10.33 -7.61 2.70
N GLY A 85 10.21 -8.84 2.20
CA GLY A 85 11.03 -9.92 2.73
C GLY A 85 10.50 -10.46 4.02
N VAL A 86 9.23 -10.17 4.32
CA VAL A 86 8.61 -10.56 5.59
C VAL A 86 7.41 -11.48 5.43
N GLU A 87 7.00 -11.81 4.20
CA GLU A 87 5.75 -12.55 4.07
C GLU A 87 5.72 -13.86 4.85
N LYS A 88 6.84 -14.60 4.90
CA LYS A 88 6.88 -15.82 5.73
C LYS A 88 6.45 -15.58 7.15
N GLU A 89 6.99 -14.50 7.72
CA GLU A 89 6.70 -14.16 9.10
C GLU A 89 5.27 -13.62 9.23
N VAL A 90 4.83 -12.89 8.20
CA VAL A 90 3.45 -12.44 8.18
C VAL A 90 2.52 -13.65 8.10
N GLY A 91 2.85 -14.63 7.27
CA GLY A 91 2.07 -15.87 7.21
C GLY A 91 1.99 -16.53 8.57
N LYS A 92 3.04 -16.41 9.36
CA LYS A 92 3.03 -17.00 10.71
C LYS A 92 2.13 -16.20 11.61
N GLY A 93 2.20 -14.87 11.51
CA GLY A 93 1.26 -14.02 12.25
C GLY A 93 -0.18 -14.37 11.93
N LEU A 94 -0.53 -14.36 10.64
CA LEU A 94 -1.89 -14.66 10.18
C LEU A 94 -2.33 -16.05 10.67
N LYS A 95 -1.41 -17.02 10.56
CA LYS A 95 -1.65 -18.39 11.06
C LYS A 95 -2.06 -18.35 12.55
N ALA A 96 -1.29 -17.68 13.38
CA ALA A 96 -1.64 -17.69 14.81
C ALA A 96 -2.95 -16.93 15.07
N ALA A 97 -3.27 -15.97 14.21
CA ALA A 97 -4.48 -15.15 14.32
C ALA A 97 -5.70 -16.01 14.00
N MET A 98 -5.57 -16.82 12.94
CA MET A 98 -6.63 -17.75 12.56
C MET A 98 -6.75 -18.94 13.54
N GLU A 99 -5.63 -19.36 14.14
CA GLU A 99 -5.63 -20.34 15.21
C GLU A 99 -6.30 -19.75 16.46
N ALA A 100 -6.27 -18.43 16.60
CA ALA A 100 -6.99 -17.76 17.69
C ALA A 100 -8.48 -17.57 17.39
N GLY A 101 -8.92 -17.96 16.21
CA GLY A 101 -10.37 -17.93 15.92
C GLY A 101 -10.88 -16.86 14.96
N ILE A 102 -9.97 -16.13 14.34
CA ILE A 102 -10.34 -15.15 13.35
C ILE A 102 -10.52 -15.88 12.02
N ASP A 103 -11.71 -15.78 11.44
CA ASP A 103 -11.99 -16.48 10.17
C ASP A 103 -11.16 -15.87 9.04
N ARG A 104 -10.56 -16.71 8.19
CA ARG A 104 -9.96 -16.24 6.93
C ARG A 104 -10.86 -15.19 6.23
N LYS A 105 -12.15 -15.48 6.13
CA LYS A 105 -13.10 -14.62 5.43
C LYS A 105 -13.19 -13.20 6.01
N ASP A 106 -12.76 -13.04 7.25
CA ASP A 106 -12.82 -11.75 7.94
C ASP A 106 -11.53 -10.97 7.85
N LEU A 107 -10.48 -11.64 7.37
CA LEU A 107 -9.18 -11.01 7.17
C LEU A 107 -9.01 -10.50 5.75
N PHE A 108 -8.38 -9.35 5.64
CA PHE A 108 -8.03 -8.83 4.33
C PHE A 108 -6.51 -8.80 4.23
N VAL A 109 -5.95 -9.68 3.38
CA VAL A 109 -4.48 -9.73 3.19
C VAL A 109 -4.12 -9.15 1.83
N THR A 110 -3.28 -8.12 1.83
CA THR A 110 -2.75 -7.56 0.60
C THR A 110 -1.30 -8.03 0.45
N SER A 111 -0.96 -8.48 -0.76
CA SER A 111 0.43 -8.49 -1.13
C SER A 111 0.65 -7.85 -2.50
N LYS A 112 1.91 -7.77 -2.91
CA LYS A 112 2.33 -7.07 -4.08
C LYS A 112 3.28 -7.90 -4.90
N ILE A 113 3.13 -7.83 -6.22
CA ILE A 113 4.05 -8.53 -7.13
C ILE A 113 5.21 -7.61 -7.45
N TRP A 114 6.44 -8.13 -7.25
CA TRP A 114 7.62 -7.33 -7.36
C TRP A 114 8.02 -7.17 -8.82
N CYS A 115 8.63 -6.01 -9.10
CA CYS A 115 9.10 -5.63 -10.44
C CYS A 115 9.78 -6.77 -11.21
N THR A 116 10.61 -7.54 -10.51
CA THR A 116 11.35 -8.59 -11.21
C THR A 116 10.37 -9.59 -11.88
N ASN A 117 9.12 -9.65 -11.38
CA ASN A 117 8.15 -10.61 -11.84
C ASN A 117 7.08 -10.00 -12.75
N LEU A 118 7.33 -8.78 -13.19
CA LEU A 118 6.38 -8.06 -14.04
C LEU A 118 6.65 -8.47 -15.50
N ALA A 119 6.42 -9.75 -15.76
CA ALA A 119 6.42 -10.32 -17.10
C ALA A 119 5.30 -11.34 -17.04
N PRO A 120 4.48 -11.46 -18.12
CA PRO A 120 3.26 -12.28 -18.08
C PRO A 120 3.47 -13.67 -17.48
N GLU A 121 4.49 -14.36 -17.97
CA GLU A 121 4.85 -15.73 -17.55
C GLU A 121 5.22 -15.85 -16.07
N ARG A 122 5.54 -14.72 -15.43
CA ARG A 122 6.04 -14.75 -14.06
C ARG A 122 5.01 -14.30 -13.04
N VAL A 123 3.87 -13.85 -13.54
CA VAL A 123 2.82 -13.37 -12.63
C VAL A 123 2.34 -14.47 -11.70
N ARG A 124 1.94 -15.59 -12.28
CA ARG A 124 1.39 -16.68 -11.49
C ARG A 124 2.38 -17.27 -10.47
N PRO A 125 3.59 -17.71 -10.91
CA PRO A 125 4.56 -18.22 -9.93
C PRO A 125 4.85 -17.26 -8.77
N ALA A 126 4.86 -15.96 -9.06
CA ALA A 126 5.14 -14.98 -8.02
C ALA A 126 4.03 -15.02 -6.99
N LEU A 127 2.78 -14.99 -7.45
CA LEU A 127 1.64 -15.09 -6.57
C LEU A 127 1.63 -16.38 -5.75
N GLU A 128 1.84 -17.50 -6.45
CA GLU A 128 1.92 -18.78 -5.81
C GLU A 128 2.99 -18.78 -4.71
N ASN A 129 4.17 -18.23 -5.01
CA ASN A 129 5.21 -18.06 -3.99
C ASN A 129 4.71 -17.23 -2.78
N THR A 130 4.11 -16.09 -3.08
CA THR A 130 3.53 -15.24 -2.05
C THR A 130 2.53 -15.99 -1.17
N LEU A 131 1.65 -16.79 -1.80
CA LEU A 131 0.65 -17.55 -1.07
C LEU A 131 1.27 -18.63 -0.20
N LYS A 132 2.35 -19.23 -0.67
CA LYS A 132 3.09 -20.21 0.10
C LYS A 132 3.71 -19.52 1.32
N ASP A 133 4.35 -18.38 1.10
CA ASP A 133 4.95 -17.64 2.20
C ASP A 133 3.89 -17.31 3.24
N LEU A 134 2.78 -16.75 2.76
CA LEU A 134 1.72 -16.26 3.62
C LEU A 134 0.86 -17.38 4.22
N GLN A 135 1.06 -18.62 3.77
CA GLN A 135 0.25 -19.76 4.14
C GLN A 135 -1.23 -19.46 3.91
N LEU A 136 -1.54 -18.90 2.74
CA LEU A 136 -2.93 -18.65 2.39
C LEU A 136 -3.33 -19.39 1.10
N ASP A 137 -4.63 -19.67 0.96
CA ASP A 137 -5.16 -20.24 -0.28
C ASP A 137 -5.39 -19.11 -1.30
N TYR A 138 -5.61 -17.89 -0.80
CA TYR A 138 -5.87 -16.77 -1.66
C TYR A 138 -5.49 -15.55 -0.86
N ILE A 139 -5.25 -14.44 -1.54
CA ILE A 139 -5.18 -13.16 -0.85
C ILE A 139 -6.24 -12.25 -1.40
N ASP A 140 -6.51 -11.15 -0.70
CA ASP A 140 -7.68 -10.35 -0.98
C ASP A 140 -7.38 -9.32 -2.02
N LEU A 141 -6.14 -8.88 -1.99
CA LEU A 141 -5.68 -7.86 -2.92
C LEU A 141 -4.25 -8.15 -3.32
N TYR A 142 -4.02 -8.16 -4.62
CA TYR A 142 -2.67 -8.32 -5.16
C TYR A 142 -2.40 -7.13 -6.06
N HIS A 143 -1.38 -6.39 -5.67
CA HIS A 143 -1.04 -5.14 -6.35
C HIS A 143 0.12 -5.34 -7.26
N ILE A 144 0.12 -4.59 -8.34
CA ILE A 144 1.37 -4.26 -9.00
C ILE A 144 2.21 -3.38 -8.05
N HIS A 145 3.36 -3.89 -7.60
CA HIS A 145 4.08 -3.15 -6.57
C HIS A 145 4.61 -1.83 -7.12
N TRP A 146 5.30 -1.88 -8.27
CA TRP A 146 5.69 -0.67 -8.99
C TRP A 146 5.51 -0.97 -10.47
N PRO A 147 5.07 0.02 -11.26
CA PRO A 147 4.86 -0.27 -12.67
C PRO A 147 6.10 -0.26 -13.56
N PHE A 148 7.09 -1.09 -13.22
CA PHE A 148 8.39 -1.09 -13.88
C PHE A 148 8.89 -2.48 -13.76
N ARG A 149 9.32 -3.06 -14.87
CA ARG A 149 9.91 -4.37 -14.84
C ARG A 149 11.39 -4.19 -14.49
N LEU A 150 11.91 -5.07 -13.66
CA LEU A 150 13.34 -5.10 -13.37
C LEU A 150 13.91 -6.43 -13.86
N LYS A 151 15.11 -6.36 -14.40
CA LYS A 151 15.90 -7.52 -14.73
C LYS A 151 16.15 -8.37 -13.50
N ASP A 152 16.31 -9.67 -13.70
CA ASP A 152 16.76 -10.52 -12.64
C ASP A 152 18.13 -9.98 -12.23
N GLY A 153 18.40 -9.97 -10.92
CA GLY A 153 19.69 -9.56 -10.38
C GLY A 153 19.91 -8.05 -10.42
N ALA A 154 18.82 -7.29 -10.64
CA ALA A 154 18.91 -5.84 -10.71
C ALA A 154 19.49 -5.29 -9.43
N HIS A 155 20.13 -4.14 -9.51
CA HIS A 155 20.77 -3.57 -8.36
C HIS A 155 20.04 -2.32 -7.92
N MET A 156 20.37 -1.85 -6.74
CA MET A 156 19.98 -0.54 -6.27
C MET A 156 21.25 0.28 -6.03
N PRO A 157 21.39 1.41 -6.74
CA PRO A 157 20.52 1.86 -7.85
C PRO A 157 20.75 1.05 -9.14
N PRO A 158 19.78 1.09 -10.10
CA PRO A 158 19.83 0.16 -11.20
C PRO A 158 21.00 0.38 -12.15
N GLU A 159 21.55 -0.69 -12.68
CA GLU A 159 22.60 -0.53 -13.65
C GLU A 159 21.97 -0.41 -15.04
N ALA A 160 22.79 0.03 -16.01
CA ALA A 160 22.38 0.03 -17.40
C ALA A 160 21.71 -1.29 -17.76
N GLY A 161 20.56 -1.21 -18.43
CA GLY A 161 19.81 -2.36 -18.94
C GLY A 161 19.00 -3.15 -17.93
N GLU A 162 19.06 -2.76 -16.65
CA GLU A 162 18.36 -3.47 -15.61
C GLU A 162 16.90 -3.06 -15.47
N VAL A 163 16.54 -1.84 -15.89
CA VAL A 163 15.12 -1.44 -15.88
C VAL A 163 14.52 -1.70 -17.25
N LEU A 164 13.51 -2.57 -17.28
CA LEU A 164 12.96 -3.07 -18.52
C LEU A 164 11.55 -2.51 -18.79
N GLU A 165 11.07 -2.67 -20.01
CA GLU A 165 9.73 -2.29 -20.36
C GLU A 165 8.69 -3.10 -19.58
N PHE A 166 7.76 -2.40 -18.96
CA PHE A 166 6.60 -3.03 -18.34
C PHE A 166 5.52 -3.20 -19.40
N ASP A 167 5.19 -4.46 -19.67
CA ASP A 167 4.12 -4.82 -20.58
C ASP A 167 2.88 -4.82 -19.70
N MET A 168 2.30 -3.65 -19.51
CA MET A 168 1.29 -3.50 -18.52
C MET A 168 0.06 -4.36 -18.88
N GLU A 169 -0.34 -4.30 -20.15
CA GLU A 169 -1.51 -4.99 -20.67
C GLU A 169 -1.38 -6.49 -20.49
N GLY A 170 -0.21 -7.02 -20.84
CA GLY A 170 0.08 -8.44 -20.76
C GLY A 170 0.21 -8.92 -19.33
N VAL A 171 0.89 -8.12 -18.51
CA VAL A 171 1.01 -8.48 -17.11
C VAL A 171 -0.37 -8.41 -16.44
N TRP A 172 -1.11 -7.34 -16.72
CA TRP A 172 -2.44 -7.17 -16.09
C TRP A 172 -3.35 -8.31 -16.47
N LYS A 173 -3.26 -8.74 -17.70
CA LYS A 173 -4.04 -9.88 -18.13
C LYS A 173 -3.82 -11.10 -17.24
N GLU A 174 -2.58 -11.35 -16.84
CA GLU A 174 -2.34 -12.52 -15.98
C GLU A 174 -2.78 -12.24 -14.54
N MET A 175 -2.72 -10.98 -14.15
CA MET A 175 -3.25 -10.54 -12.85
C MET A 175 -4.75 -10.83 -12.83
N GLU A 176 -5.44 -10.54 -13.93
CA GLU A 176 -6.85 -10.91 -14.05
C GLU A 176 -7.06 -12.41 -13.95
N ASN A 177 -6.17 -13.20 -14.53
CA ASN A 177 -6.33 -14.63 -14.45
C ASN A 177 -6.19 -15.14 -13.07
N LEU A 178 -5.47 -14.39 -12.23
CA LEU A 178 -5.38 -14.75 -10.79
C LEU A 178 -6.74 -14.69 -10.11
N VAL A 179 -7.53 -13.70 -10.52
CA VAL A 179 -8.85 -13.49 -9.95
C VAL A 179 -9.78 -14.55 -10.51
N LYS A 180 -9.70 -14.80 -11.81
CA LYS A 180 -10.47 -15.85 -12.47
C LYS A 180 -10.28 -17.20 -11.76
N ASP A 181 -9.08 -17.43 -11.27
CA ASP A 181 -8.70 -18.72 -10.73
C ASP A 181 -8.81 -18.75 -9.21
N GLY A 182 -9.49 -17.75 -8.67
CA GLY A 182 -9.75 -17.61 -7.23
C GLY A 182 -8.55 -17.43 -6.33
N LEU A 183 -7.40 -17.13 -6.88
CA LEU A 183 -6.16 -17.02 -6.07
C LEU A 183 -6.07 -15.65 -5.44
N VAL A 184 -6.70 -14.69 -6.11
CA VAL A 184 -6.70 -13.32 -5.64
C VAL A 184 -8.17 -12.93 -5.71
N LYS A 185 -8.68 -12.24 -4.69
CA LYS A 185 -10.04 -11.72 -4.78
C LYS A 185 -10.14 -10.40 -5.57
N ASP A 186 -9.17 -9.50 -5.42
CA ASP A 186 -9.15 -8.24 -6.17
C ASP A 186 -7.73 -7.89 -6.55
N ILE A 187 -7.58 -7.17 -7.66
CA ILE A 187 -6.25 -6.80 -8.08
C ILE A 187 -6.08 -5.29 -8.10
N GLY A 188 -4.87 -4.82 -7.83
CA GLY A 188 -4.69 -3.37 -7.73
C GLY A 188 -3.35 -2.94 -8.23
N VAL A 189 -3.08 -1.64 -8.14
CA VAL A 189 -1.80 -1.11 -8.58
C VAL A 189 -1.33 -0.23 -7.46
N CYS A 190 -0.02 -0.17 -7.26
CA CYS A 190 0.63 0.84 -6.45
C CYS A 190 1.50 1.70 -7.33
N ASN A 191 1.76 2.91 -6.82
CA ASN A 191 2.75 3.81 -7.37
C ASN A 191 2.47 4.09 -8.81
N TYR A 192 1.19 4.29 -9.11
CA TYR A 192 0.79 4.67 -10.46
C TYR A 192 0.79 6.17 -10.71
N THR A 193 0.55 6.50 -11.97
CA THR A 193 0.36 7.86 -12.41
C THR A 193 -0.96 7.87 -13.19
N VAL A 194 -1.49 9.05 -13.47
CA VAL A 194 -2.75 9.14 -14.20
C VAL A 194 -2.58 8.54 -15.58
N THR A 195 -1.45 8.87 -16.22
CA THR A 195 -1.09 8.33 -17.54
C THR A 195 -1.13 6.81 -17.53
N LYS A 196 -0.43 6.22 -16.57
CA LYS A 196 -0.32 4.78 -16.48
C LYS A 196 -1.70 4.16 -16.21
N LEU A 197 -2.44 4.82 -15.32
CA LEU A 197 -3.82 4.42 -15.00
C LEU A 197 -4.75 4.43 -16.21
N ASN A 198 -4.74 5.51 -16.99
CA ASN A 198 -5.54 5.59 -18.23
C ASN A 198 -5.18 4.47 -19.17
N ARG A 199 -3.88 4.26 -19.34
CA ARG A 199 -3.41 3.12 -20.10
C ARG A 199 -3.99 1.81 -19.59
N LEU A 200 -3.98 1.63 -18.27
CA LEU A 200 -4.41 0.36 -17.71
C LEU A 200 -5.93 0.21 -17.94
N LEU A 201 -6.65 1.30 -17.71
CA LEU A 201 -8.10 1.31 -17.86
C LEU A 201 -8.60 1.05 -19.29
N ARG A 202 -7.79 1.40 -20.29
CA ARG A 202 -8.17 1.17 -21.69
C ARG A 202 -8.11 -0.32 -21.99
N SER A 203 -7.24 -1.01 -21.27
CA SER A 203 -7.03 -2.44 -21.48
C SER A 203 -7.77 -3.35 -20.51
N ALA A 204 -7.68 -3.07 -19.21
CA ALA A 204 -8.24 -3.97 -18.19
C ALA A 204 -9.69 -4.42 -18.41
N LYS A 205 -9.88 -5.74 -18.30
CA LYS A 205 -11.19 -6.35 -18.29
C LYS A 205 -11.68 -6.14 -16.86
N ILE A 206 -10.78 -6.34 -15.89
CA ILE A 206 -11.10 -6.09 -14.47
C ILE A 206 -10.25 -4.92 -14.06
N PRO A 207 -10.88 -3.78 -13.77
CA PRO A 207 -10.12 -2.56 -13.45
C PRO A 207 -9.45 -2.77 -12.09
N PRO A 208 -8.39 -2.00 -11.77
CA PRO A 208 -7.80 -2.20 -10.44
C PRO A 208 -8.84 -1.85 -9.38
N ALA A 209 -9.01 -2.72 -8.38
CA ALA A 209 -9.89 -2.45 -7.23
C ALA A 209 -9.38 -1.27 -6.42
N VAL A 210 -8.07 -1.25 -6.23
CA VAL A 210 -7.48 -0.35 -5.27
C VAL A 210 -6.25 0.21 -5.92
N CYS A 211 -6.03 1.50 -5.75
CA CYS A 211 -4.76 2.08 -6.05
C CYS A 211 -4.10 2.48 -4.71
N GLN A 212 -2.96 1.86 -4.41
CA GLN A 212 -2.25 2.19 -3.16
C GLN A 212 -1.11 3.18 -3.46
N MET A 213 -1.07 4.29 -2.71
CA MET A 213 -0.13 5.35 -3.03
C MET A 213 0.36 5.95 -1.74
N GLU A 214 1.55 6.51 -1.78
CA GLU A 214 2.04 7.26 -0.64
C GLU A 214 1.15 8.49 -0.49
N MET A 215 0.56 8.64 0.70
CA MET A 215 -0.26 9.79 1.01
C MET A 215 -0.15 10.07 2.45
N HIS A 216 -0.05 11.35 2.77
CA HIS A 216 0.09 11.79 4.14
C HIS A 216 0.19 13.29 3.97
N PRO A 217 0.02 14.02 5.07
CA PRO A 217 0.22 15.47 5.00
C PRO A 217 1.60 15.77 4.43
N GLY A 218 1.69 16.72 3.51
CA GLY A 218 2.99 16.94 2.89
C GLY A 218 3.26 16.01 1.69
N TRP A 219 2.35 15.06 1.45
CA TRP A 219 2.33 14.35 0.16
C TRP A 219 0.95 13.76 -0.11
N LYS A 220 0.01 14.61 -0.51
CA LYS A 220 -1.37 14.23 -0.62
C LYS A 220 -1.65 13.43 -1.89
N ASN A 221 -0.86 13.72 -2.92
CA ASN A 221 -1.12 13.22 -4.25
C ASN A 221 -2.61 13.25 -4.58
N ASP A 222 -3.21 14.44 -4.50
CA ASP A 222 -4.59 14.60 -4.87
C ASP A 222 -4.76 14.29 -6.37
N LYS A 223 -3.70 14.48 -7.16
CA LYS A 223 -3.81 14.18 -8.60
C LYS A 223 -4.23 12.73 -8.87
N ILE A 224 -3.51 11.76 -8.32
CA ILE A 224 -3.89 10.36 -8.45
C ILE A 224 -5.23 10.02 -7.80
N PHE A 225 -5.53 10.64 -6.64
CA PHE A 225 -6.75 10.37 -5.88
C PHE A 225 -7.97 10.74 -6.74
N GLU A 226 -7.92 11.93 -7.30
CA GLU A 226 -9.01 12.38 -8.14
C GLU A 226 -9.21 11.52 -9.39
N ALA A 227 -8.12 10.97 -9.94
CA ALA A 227 -8.26 10.06 -11.08
C ALA A 227 -8.83 8.73 -10.63
N CYS A 228 -8.43 8.24 -9.46
CA CYS A 228 -9.02 7.02 -8.95
C CYS A 228 -10.50 7.27 -8.62
N LYS A 229 -10.78 8.36 -7.94
CA LYS A 229 -12.18 8.69 -7.63
C LYS A 229 -13.08 8.67 -8.89
N LYS A 230 -12.58 9.25 -9.96
CA LYS A 230 -13.33 9.44 -11.20
C LYS A 230 -13.67 8.11 -11.76
N HIS A 231 -12.83 7.12 -11.45
CA HIS A 231 -12.98 5.82 -12.04
C HIS A 231 -13.48 4.81 -11.05
N GLY A 232 -13.88 5.30 -9.89
CA GLY A 232 -14.47 4.44 -8.87
C GLY A 232 -13.46 3.48 -8.27
N ILE A 233 -12.18 3.86 -8.32
CA ILE A 233 -11.08 3.06 -7.75
C ILE A 233 -10.77 3.51 -6.32
N HIS A 234 -10.78 2.57 -5.39
CA HIS A 234 -10.54 2.86 -4.01
C HIS A 234 -9.04 3.09 -3.81
N ILE A 235 -8.69 3.94 -2.87
CA ILE A 235 -7.32 4.32 -2.67
C ILE A 235 -6.88 3.99 -1.26
N THR A 236 -5.74 3.29 -1.14
CA THR A 236 -5.04 3.07 0.12
C THR A 236 -3.86 4.01 0.30
N ALA A 237 -3.79 4.65 1.46
CA ALA A 237 -2.68 5.54 1.76
C ALA A 237 -1.60 4.73 2.43
N TYR A 238 -0.48 4.60 1.73
CA TYR A 238 0.69 4.01 2.34
C TYR A 238 1.59 5.11 2.91
N SER A 239 2.49 4.70 3.80
CA SER A 239 3.33 5.63 4.57
C SER A 239 2.51 6.76 5.13
N PRO A 240 1.39 6.45 5.77
CA PRO A 240 0.51 7.50 6.26
C PRO A 240 1.09 8.36 7.39
N LEU A 241 2.20 7.90 8.00
CA LEU A 241 2.82 8.64 9.12
C LEU A 241 3.99 9.44 8.57
N GLY A 242 4.25 9.30 7.26
CA GLY A 242 5.47 9.80 6.67
C GLY A 242 6.61 8.79 6.66
N SER A 243 6.30 7.52 6.89
CA SER A 243 7.28 6.45 7.02
C SER A 243 8.20 6.82 8.17
N SER A 244 9.35 6.18 8.31
CA SER A 244 10.28 6.61 9.36
C SER A 244 11.01 7.83 8.86
N GLU A 245 11.31 7.84 7.57
CA GLU A 245 12.16 8.87 6.96
C GLU A 245 11.67 10.33 7.07
N LYS A 246 10.36 10.52 6.89
CA LYS A 246 9.72 11.85 7.00
C LYS A 246 8.58 11.74 7.98
N ASN A 247 8.86 10.99 9.06
CA ASN A 247 7.85 10.75 10.03
C ASN A 247 7.35 12.07 10.55
N LEU A 248 6.02 12.17 10.59
CA LEU A 248 5.27 13.36 10.97
C LEU A 248 4.76 13.36 12.39
N ALA A 249 5.06 12.31 13.15
CA ALA A 249 4.54 12.22 14.53
C ALA A 249 5.11 13.33 15.41
N HIS A 250 6.29 13.86 15.03
CA HIS A 250 6.88 14.97 15.77
C HIS A 250 6.75 16.29 15.05
N ASP A 251 5.90 16.37 14.03
CA ASP A 251 5.73 17.61 13.31
C ASP A 251 4.85 18.53 14.17
N PRO A 252 5.26 19.81 14.36
CA PRO A 252 4.50 20.73 15.22
C PRO A 252 3.03 20.94 14.77
N VAL A 253 2.75 20.98 13.46
CA VAL A 253 1.39 21.10 12.99
C VAL A 253 0.54 19.92 13.43
N VAL A 254 1.07 18.71 13.26
CA VAL A 254 0.40 17.49 13.71
C VAL A 254 0.31 17.45 15.24
N GLU A 255 1.38 17.85 15.90
CA GLU A 255 1.34 17.86 17.36
C GLU A 255 0.29 18.82 17.86
N LYS A 256 0.14 19.96 17.19
CA LYS A 256 -0.85 20.97 17.60
C LYS A 256 -2.30 20.44 17.57
N VAL A 257 -2.68 19.86 16.45
CA VAL A 257 -3.98 19.19 16.33
C VAL A 257 -4.10 18.09 17.39
N ALA A 258 -3.07 17.26 17.53
CA ALA A 258 -3.10 16.11 18.43
C ALA A 258 -3.40 16.59 19.85
N ASN A 259 -2.69 17.63 20.29
CA ASN A 259 -2.89 18.15 21.67
C ASN A 259 -4.31 18.64 21.93
N LYS A 260 -4.91 19.31 20.94
CA LYS A 260 -6.28 19.83 21.09
C LYS A 260 -7.34 18.75 21.16
N LEU A 261 -7.08 17.64 20.48
CA LEU A 261 -8.02 16.56 20.33
C LEU A 261 -7.71 15.43 21.31
N ASN A 262 -6.56 15.59 21.97
CA ASN A 262 -6.06 14.64 22.93
C ASN A 262 -5.95 13.29 22.22
N LYS A 263 -5.29 13.30 21.06
CA LYS A 263 -4.98 12.06 20.38
C LYS A 263 -3.51 12.07 20.13
N THR A 264 -2.91 10.91 19.86
CA THR A 264 -1.48 10.92 19.56
C THR A 264 -1.31 11.42 18.15
N PRO A 265 -0.17 12.08 17.87
CA PRO A 265 0.15 12.44 16.48
C PRO A 265 -0.16 11.35 15.45
N GLY A 266 0.31 10.12 15.71
CA GLY A 266 0.01 9.00 14.82
C GLY A 266 -1.44 8.77 14.56
N GLN A 267 -2.25 8.86 15.61
CA GLN A 267 -3.71 8.78 15.48
C GLN A 267 -4.29 9.89 14.56
N VAL A 268 -3.83 11.12 14.76
CA VAL A 268 -4.28 12.24 13.94
C VAL A 268 -3.93 11.99 12.44
N LEU A 269 -2.70 11.53 12.22
CA LEU A 269 -2.21 11.21 10.88
C LEU A 269 -3.04 10.11 10.22
N ILE A 270 -3.36 9.08 11.01
CA ILE A 270 -4.13 7.95 10.48
C ILE A 270 -5.57 8.40 10.24
N LYS A 271 -6.08 9.25 11.13
CA LYS A 271 -7.46 9.75 11.00
C LYS A 271 -7.58 10.64 9.79
N TRP A 272 -6.59 11.49 9.59
CA TRP A 272 -6.59 12.34 8.42
C TRP A 272 -6.82 11.53 7.12
N ALA A 273 -6.19 10.37 7.03
CA ALA A 273 -6.36 9.52 5.84
C ALA A 273 -7.80 9.09 5.72
N LEU A 274 -8.37 8.56 6.80
CA LEU A 274 -9.73 8.07 6.80
C LEU A 274 -10.68 9.18 6.42
N GLN A 275 -10.46 10.37 6.96
CA GLN A 275 -11.29 11.54 6.60
C GLN A 275 -11.20 11.96 5.14
N ARG A 276 -10.03 11.73 4.54
CA ARG A 276 -9.90 11.86 3.08
C ARG A 276 -10.64 10.75 2.32
N GLY A 277 -11.03 9.70 3.02
CA GLY A 277 -11.73 8.60 2.37
C GLY A 277 -10.79 7.59 1.72
N THR A 278 -9.57 7.49 2.24
CA THR A 278 -8.69 6.38 1.85
C THR A 278 -8.67 5.34 2.96
N SER A 279 -8.39 4.08 2.63
CA SER A 279 -7.91 3.17 3.66
C SER A 279 -6.50 3.59 3.96
N VAL A 280 -5.87 2.97 4.95
CA VAL A 280 -4.64 3.48 5.50
C VAL A 280 -3.96 2.35 6.23
N ILE A 281 -2.65 2.22 6.03
CA ILE A 281 -1.93 1.00 6.46
C ILE A 281 -0.76 1.33 7.36
N PRO A 282 -1.01 1.99 8.50
CA PRO A 282 0.14 2.41 9.36
C PRO A 282 0.97 1.21 9.75
N LYS A 283 2.28 1.37 9.76
CA LYS A 283 3.20 0.32 10.15
C LYS A 283 3.76 0.60 11.53
N SER A 284 3.73 -0.40 12.42
CA SER A 284 4.57 -0.32 13.61
C SER A 284 4.97 -1.73 13.96
N SER A 285 6.13 -1.84 14.57
CA SER A 285 6.55 -3.13 15.11
C SER A 285 6.38 -3.11 16.64
N LYS A 286 5.73 -2.07 17.16
CA LYS A 286 5.53 -1.94 18.61
C LYS A 286 4.08 -2.16 18.92
N ASP A 287 3.82 -3.17 19.75
CA ASP A 287 2.46 -3.49 20.18
C ASP A 287 1.65 -2.27 20.64
N GLU A 288 2.27 -1.42 21.45
CA GLU A 288 1.56 -0.25 21.94
C GLU A 288 1.08 0.61 20.75
N ARG A 289 1.95 0.85 19.79
CA ARG A 289 1.60 1.72 18.65
C ARG A 289 0.66 1.04 17.67
N ILE A 290 0.81 -0.27 17.51
CA ILE A 290 -0.21 -1.06 16.79
C ILE A 290 -1.62 -0.82 17.32
N LYS A 291 -1.77 -0.94 18.65
CA LYS A 291 -3.00 -0.62 19.33
C LYS A 291 -3.36 0.88 19.19
N GLU A 292 -2.41 1.76 19.46
CA GLU A 292 -2.64 3.18 19.28
C GLU A 292 -3.22 3.52 17.90
N ASN A 293 -2.61 2.94 16.88
CA ASN A 293 -2.86 3.33 15.50
C ASN A 293 -4.24 3.00 14.94
N ILE A 294 -4.99 2.17 15.63
CA ILE A 294 -6.34 1.80 15.18
C ILE A 294 -7.41 2.42 16.07
N GLN A 295 -6.99 3.20 17.08
CA GLN A 295 -7.95 3.94 17.95
C GLN A 295 -8.32 5.23 17.22
N VAL A 296 -8.84 5.07 16.02
CA VAL A 296 -9.09 6.21 15.14
C VAL A 296 -10.59 6.35 14.79
N PHE A 297 -11.44 5.72 15.59
CA PHE A 297 -12.88 5.75 15.39
C PHE A 297 -13.59 6.39 16.58
N GLY A 298 -14.73 7.01 16.28
CA GLY A 298 -15.54 7.65 17.27
C GLY A 298 -15.02 9.01 17.65
N TRP A 299 -14.36 9.67 16.69
CA TRP A 299 -14.02 11.06 16.82
C TRP A 299 -13.61 11.50 15.43
N GLU A 300 -13.35 12.78 15.29
CA GLU A 300 -12.92 13.26 13.99
C GLU A 300 -11.94 14.36 14.21
N ILE A 301 -11.28 14.73 13.12
CA ILE A 301 -10.49 15.93 13.11
C ILE A 301 -11.38 17.09 12.66
N PRO A 302 -11.50 18.15 13.47
CA PRO A 302 -12.26 19.32 12.99
C PRO A 302 -11.76 19.73 11.61
N GLU A 303 -12.69 20.14 10.76
CA GLU A 303 -12.36 20.52 9.40
C GLU A 303 -11.28 21.60 9.37
N GLU A 304 -11.31 22.55 10.31
CA GLU A 304 -10.25 23.55 10.39
C GLU A 304 -8.86 22.92 10.52
N ASP A 305 -8.71 21.96 11.41
CA ASP A 305 -7.45 21.28 11.56
C ASP A 305 -7.13 20.35 10.37
N PHE A 306 -8.14 19.69 9.82
CA PHE A 306 -7.98 18.85 8.63
C PHE A 306 -7.37 19.70 7.49
N LYS A 307 -7.92 20.89 7.34
CA LYS A 307 -7.45 21.86 6.36
C LYS A 307 -6.02 22.36 6.59
N VAL A 308 -5.64 22.63 7.84
CA VAL A 308 -4.27 22.94 8.16
C VAL A 308 -3.38 21.76 7.72
N LEU A 309 -3.78 20.54 8.09
CA LEU A 309 -3.03 19.34 7.73
C LEU A 309 -2.86 19.25 6.22
N CYS A 310 -3.97 19.40 5.49
CA CYS A 310 -3.96 19.40 4.01
C CYS A 310 -3.09 20.51 3.41
N SER A 311 -3.01 21.65 4.09
CA SER A 311 -2.25 22.79 3.59
C SER A 311 -0.72 22.67 3.71
N ILE A 312 -0.24 21.67 4.44
CA ILE A 312 1.18 21.35 4.44
C ILE A 312 1.59 21.06 2.99
N LYS A 313 2.66 21.71 2.53
CA LYS A 313 3.00 21.65 1.12
C LYS A 313 3.37 20.24 0.74
N ASP A 314 2.86 19.78 -0.40
CA ASP A 314 3.26 18.51 -1.01
C ASP A 314 4.66 18.62 -1.52
N GLU A 315 5.59 17.96 -0.82
CA GLU A 315 7.04 17.95 -1.14
C GLU A 315 7.77 17.06 -0.14
N LYS A 316 7.00 16.43 0.74
CA LYS A 316 7.59 15.52 1.70
C LYS A 316 7.50 14.10 1.20
N ARG A 317 8.01 13.82 -0.02
CA ARG A 317 7.75 12.49 -0.61
C ARG A 317 8.81 11.48 -0.24
N VAL A 318 8.42 10.35 0.36
CA VAL A 318 9.43 9.45 0.88
C VAL A 318 9.93 8.51 -0.18
N LEU A 319 9.00 7.99 -0.97
CA LEU A 319 9.34 7.00 -1.96
C LEU A 319 9.25 7.54 -3.37
N THR A 320 10.39 7.98 -3.89
CA THR A 320 10.52 8.54 -5.22
C THR A 320 10.74 7.45 -6.27
N GLY A 321 11.19 6.28 -5.83
CA GLY A 321 11.58 5.22 -6.76
C GLY A 321 13.00 5.38 -7.32
N GLU A 322 13.67 6.49 -6.98
CA GLU A 322 15.02 6.78 -7.52
C GLU A 322 16.00 5.63 -7.38
N GLU A 323 16.05 5.03 -6.20
CA GLU A 323 17.08 4.04 -5.93
C GLU A 323 16.68 2.69 -6.53
N LEU A 324 15.43 2.60 -6.99
CA LEU A 324 14.95 1.40 -7.63
C LEU A 324 15.07 1.47 -9.16
N PHE A 325 14.69 2.62 -9.73
CA PHE A 325 14.44 2.70 -11.18
C PHE A 325 15.31 3.73 -11.93
N VAL A 326 16.02 4.60 -11.21
CA VAL A 326 16.65 5.75 -11.89
C VAL A 326 18.13 5.48 -12.13
N ASN A 327 18.48 5.36 -13.41
CA ASN A 327 19.86 5.48 -13.86
C ASN A 327 19.99 6.76 -14.70
N LYS A 328 20.65 7.78 -14.15
CA LYS A 328 20.67 9.05 -14.85
C LYS A 328 21.57 8.96 -16.10
N THR A 329 22.58 8.11 -16.03
CA THR A 329 23.59 7.99 -17.08
C THR A 329 23.01 7.30 -18.30
N HIS A 330 22.27 6.24 -18.08
CA HIS A 330 21.84 5.40 -19.19
C HIS A 330 20.35 5.34 -19.39
N GLY A 331 19.60 5.68 -18.33
CA GLY A 331 18.13 5.62 -18.37
C GLY A 331 17.72 4.16 -18.27
N PRO A 332 16.48 3.82 -18.64
CA PRO A 332 15.41 4.65 -19.24
C PRO A 332 14.83 5.76 -18.33
N TYR A 333 14.99 5.65 -17.02
CA TYR A 333 14.47 6.68 -16.14
C TYR A 333 15.65 7.47 -15.59
N ARG A 334 15.70 8.75 -15.94
CA ARG A 334 16.86 9.62 -15.60
C ARG A 334 16.72 10.36 -14.30
N SER A 335 15.48 10.40 -13.80
CA SER A 335 15.09 11.18 -12.62
C SER A 335 13.79 10.61 -12.07
N ALA A 336 13.42 11.02 -10.84
CA ALA A 336 12.15 10.59 -10.26
C ALA A 336 11.00 11.08 -11.13
N ARG A 337 11.20 12.26 -11.71
CA ARG A 337 10.22 12.90 -12.54
C ARG A 337 9.83 11.94 -13.66
N ASP A 338 10.83 11.27 -14.24
CA ASP A 338 10.60 10.22 -15.25
C ASP A 338 9.80 9.04 -14.71
N VAL A 339 10.10 8.66 -13.47
CA VAL A 339 9.33 7.61 -12.79
C VAL A 339 7.83 7.92 -12.70
N TRP A 340 7.51 9.19 -12.47
CA TRP A 340 6.15 9.62 -12.15
C TRP A 340 5.52 10.36 -13.33
N ASP A 341 6.05 10.08 -14.53
CA ASP A 341 5.51 10.61 -15.79
C ASP A 341 5.34 12.11 -15.71
N HIS A 342 6.24 12.74 -14.96
CA HIS A 342 6.24 14.17 -14.79
C HIS A 342 4.87 14.69 -14.30
N GLU A 343 4.18 13.89 -13.49
CA GLU A 343 2.89 14.32 -12.98
C GLU A 343 3.02 14.99 -11.63
N ASN A 344 4.20 14.89 -11.03
CA ASN A 344 4.42 15.44 -9.71
C ASN A 344 5.88 15.60 -9.34
PA NDP B . 4.25 4.56 8.21
O1A NDP B . 3.95 5.84 7.53
O2A NDP B . 3.14 3.77 8.71
O5B NDP B . 5.20 4.98 9.48
C5B NDP B . 6.08 4.02 10.02
C4B NDP B . 7.09 4.70 10.96
O4B NDP B . 6.47 5.42 11.99
C3B NDP B . 7.95 3.68 11.65
O3B NDP B . 9.15 4.40 11.91
C2B NDP B . 7.17 3.38 12.91
O2B NDP B . 8.06 2.99 13.90
C1B NDP B . 6.64 4.78 13.24
N9A NDP B . 5.35 4.75 13.94
C8A NDP B . 4.38 3.79 13.84
N7A NDP B . 3.36 4.16 14.63
C5A NDP B . 3.67 5.31 15.22
C6A NDP B . 2.97 6.11 16.14
N6A NDP B . 1.64 6.00 16.27
N1A NDP B . 3.56 7.25 16.60
C2A NDP B . 4.82 7.61 16.17
N3A NDP B . 5.51 6.81 15.25
C4A NDP B . 4.92 5.69 14.78
O3 NDP B . 5.34 3.58 7.54
PN NDP B . 5.52 2.84 6.14
O1N NDP B . 5.91 1.45 6.53
O2N NDP B . 6.39 3.68 5.27
O5D NDP B . 4.08 2.80 5.49
C5D NDP B . 3.14 1.90 6.00
C4D NDP B . 2.98 0.67 5.11
O4D NDP B . 2.58 1.01 3.81
C3D NDP B . 4.24 -0.16 4.91
O3D NDP B . 4.57 -0.92 6.03
C2D NDP B . 3.83 -1.00 3.73
O2D NDP B . 2.89 -1.94 4.17
C1D NDP B . 3.07 0.02 2.91
N1N NDP B . 3.96 0.62 1.90
C2N NDP B . 3.74 0.28 0.60
C3N NDP B . 4.59 0.69 -0.38
C7N NDP B . 4.30 0.37 -1.81
O7N NDP B . 5.33 0.65 -2.67
N7N NDP B . 3.13 -0.04 -2.28
C4N NDP B . 5.84 1.50 -0.10
C5N NDP B . 5.99 1.80 1.35
C6N NDP B . 5.05 1.35 2.26
P2B NDP B . 7.85 1.67 14.81
O1X NDP B . 7.71 0.47 13.93
O2X NDP B . 9.06 1.62 15.69
O3X NDP B . 6.59 1.82 15.65
S SO4 C . -7.46 12.56 -16.65
O1 SO4 C . -8.08 11.65 -15.67
O2 SO4 C . -6.58 11.83 -17.58
O3 SO4 C . -8.46 13.28 -17.44
O4 SO4 C . -6.66 13.53 -15.88
S SO4 D . 10.67 6.13 17.42
O1 SO4 D . 10.83 5.17 18.53
O2 SO4 D . 9.55 5.75 16.53
O3 SO4 D . 10.50 7.46 18.01
O4 SO4 D . 11.90 6.10 16.63
S SO4 E . -3.29 10.05 -20.99
O1 SO4 E . -3.43 10.50 -19.61
O2 SO4 E . -2.15 9.14 -21.03
O3 SO4 E . -4.46 9.35 -21.52
O4 SO4 E . -3.05 11.22 -21.83
C1 1BO F . 10.55 -3.59 -0.88
C2 1BO F . 10.50 -2.11 -0.62
C3 1BO F . 9.80 -1.39 -1.71
C4 1BO F . 9.37 -0.01 -1.20
OH 1BO F . 8.45 0.53 -2.14
C1 1BO G . 25.35 4.75 -13.22
C2 1BO G . 26.20 3.68 -13.86
C3 1BO G . 25.42 2.78 -14.80
C4 1BO G . 25.93 1.33 -14.60
OH 1BO G . 25.52 0.46 -15.66
#